data_1R76
#
_entry.id   1R76
#
_cell.length_a   85.374
_cell.length_b   85.374
_cell.length_c   231.317
_cell.angle_alpha   90.00
_cell.angle_beta   90.00
_cell.angle_gamma   120.00
#
_symmetry.space_group_name_H-M   'P 65 2 2'
#
loop_
_entity.id
_entity.type
_entity.pdbx_description
1 polymer 'pectate lyase'
2 non-polymer 'MERCURY (II) ION'
3 non-polymer 'CHLORIDE ION'
4 non-polymer 'ISOPROPYL ALCOHOL'
5 non-polymer GLYCEROL
6 water water
#
_entity_poly.entity_id   1
_entity_poly.type   'polypeptide(L)'
_entity_poly.pdbx_seq_one_letter_code
;AVIGMNEAASALTPSRVSSLPDTQRAAWQEYLARSEAQLSRDKASLAAELAPGQPLPPPPAEGKGADTMPLDKPAAWYTS
KAARHVADVIVSFQTPAGGWGKNQPRDGALRLPGQHYTGENVAKVKSGSNDLDAARDRDWHYVGTIDNDATVTEIRFLAQ
VVSQLAPEEAAPYRDAALKGIEYLLASQFPNGGWPQVWPLEGGYHDAITYNDDALVHVAELLSDIAAGRDGFGFVPPAIR
TRALEATNAAIHCIVETQVVQDGKRLGWGQQHDALTLRPTSARNFEPAALSSTESARILLFLMEIEAPSDAVKQAIRGGV
AWLNTSVIRDRAWVKSDQGYQLVTEQGAKPLWSRFYSLDGNKPVFGDRDKTIHDDVMGISQERRTGYAWYTTSPQKALSA
FTKWEKRS
;
_entity_poly.pdbx_strand_id   A
#
# COMPACT_ATOMS: atom_id res chain seq x y z
N ALA A 1 20.82 -22.55 -12.68
CA ALA A 1 20.43 -22.20 -11.29
C ALA A 1 20.59 -20.71 -11.02
N VAL A 2 21.00 -19.96 -12.04
CA VAL A 2 21.19 -18.53 -11.89
C VAL A 2 20.74 -17.78 -13.14
N ILE A 3 19.43 -17.54 -13.24
CA ILE A 3 18.84 -16.83 -14.37
C ILE A 3 19.62 -15.56 -14.74
N GLY A 4 19.42 -14.51 -13.97
CA GLY A 4 20.11 -13.25 -14.22
C GLY A 4 20.34 -12.48 -12.93
N MET A 5 20.43 -11.16 -13.02
CA MET A 5 20.65 -10.35 -11.83
C MET A 5 19.58 -9.28 -11.62
N ASN A 6 19.36 -8.95 -10.35
CA ASN A 6 18.36 -7.95 -9.96
C ASN A 6 18.93 -6.54 -9.91
N GLU A 7 18.30 -5.64 -10.66
CA GLU A 7 18.73 -4.25 -10.71
C GLU A 7 17.83 -3.47 -9.75
N ALA A 8 18.32 -2.35 -9.24
CA ALA A 8 17.55 -1.53 -8.30
C ALA A 8 16.40 -0.81 -9.02
N ALA A 9 15.38 -0.42 -8.25
CA ALA A 9 14.23 0.29 -8.81
C ALA A 9 14.63 1.74 -9.02
N SER A 10 13.81 2.49 -9.75
CA SER A 10 14.15 3.89 -10.02
C SER A 10 13.22 4.89 -9.33
N ALA A 11 13.84 5.78 -8.54
CA ALA A 11 13.09 6.81 -7.83
C ALA A 11 12.42 7.77 -8.81
N LEU A 12 11.25 8.27 -8.43
CA LEU A 12 10.50 9.21 -9.25
C LEU A 12 11.09 10.60 -9.02
N THR A 13 12.14 10.91 -9.78
CA THR A 13 12.84 12.19 -9.66
C THR A 13 12.41 13.20 -10.73
N PRO A 14 12.73 14.48 -10.52
CA PRO A 14 12.37 15.54 -11.47
C PRO A 14 12.99 15.35 -12.86
N SER A 15 14.11 14.64 -12.93
CA SER A 15 14.78 14.41 -14.22
C SER A 15 14.05 13.34 -15.04
N ARG A 16 13.46 12.36 -14.35
CA ARG A 16 12.72 11.30 -15.03
C ARG A 16 11.48 11.98 -15.59
N VAL A 17 10.97 12.95 -14.85
CA VAL A 17 9.77 13.69 -15.23
C VAL A 17 10.08 14.87 -16.15
N SER A 18 11.32 15.35 -16.11
CA SER A 18 11.71 16.48 -16.96
C SER A 18 11.53 16.08 -18.42
N SER A 19 11.35 14.78 -18.65
CA SER A 19 11.15 14.24 -19.99
C SER A 19 9.68 14.44 -20.39
N LEU A 20 9.16 15.62 -20.07
CA LEU A 20 7.77 16.01 -20.35
C LEU A 20 7.28 15.60 -21.73
N PRO A 21 6.37 14.62 -21.81
CA PRO A 21 5.87 14.21 -23.12
C PRO A 21 4.98 15.34 -23.62
N ASP A 22 5.61 16.48 -23.88
CA ASP A 22 4.94 17.68 -24.36
C ASP A 22 3.85 18.15 -23.40
N THR A 23 4.26 18.90 -22.39
CA THR A 23 3.31 19.44 -21.41
C THR A 23 2.25 18.43 -21.02
N GLN A 24 2.60 17.16 -21.06
CA GLN A 24 1.67 16.10 -20.69
C GLN A 24 1.83 15.82 -19.19
N ARG A 25 3.07 15.81 -18.73
CA ARG A 25 3.36 15.56 -17.33
C ARG A 25 3.76 16.79 -16.54
N ALA A 26 3.02 17.87 -16.72
CA ALA A 26 3.28 19.08 -15.96
C ALA A 26 2.56 18.76 -14.67
N ALA A 27 1.88 17.61 -14.70
CA ALA A 27 1.11 17.09 -13.58
C ALA A 27 2.08 16.43 -12.62
N TRP A 28 2.99 15.62 -13.16
CA TRP A 28 3.96 14.93 -12.32
C TRP A 28 4.90 15.93 -11.67
N GLN A 29 5.21 17.02 -12.38
CA GLN A 29 6.08 18.03 -11.80
C GLN A 29 5.40 18.60 -10.57
N GLU A 30 4.14 18.99 -10.75
CA GLU A 30 3.35 19.55 -9.66
C GLU A 30 3.26 18.53 -8.54
N TYR A 31 3.09 17.26 -8.91
CA TYR A 31 2.98 16.19 -7.94
C TYR A 31 4.20 16.20 -7.04
N LEU A 32 5.39 16.14 -7.64
CA LEU A 32 6.65 16.14 -6.89
C LEU A 32 6.81 17.39 -6.06
N ALA A 33 6.46 18.54 -6.63
CA ALA A 33 6.57 19.80 -5.90
C ALA A 33 5.74 19.76 -4.61
N ARG A 34 4.59 19.10 -4.66
CA ARG A 34 3.72 19.02 -3.49
C ARG A 34 4.31 18.03 -2.49
N SER A 35 4.84 16.93 -3.01
CA SER A 35 5.46 15.89 -2.18
C SER A 35 6.60 16.49 -1.40
N GLU A 36 7.46 17.22 -2.09
CA GLU A 36 8.59 17.88 -1.46
C GLU A 36 8.13 18.92 -0.45
N ALA A 37 7.09 19.67 -0.84
CA ALA A 37 6.56 20.70 0.05
C ALA A 37 6.10 20.05 1.35
N GLN A 38 5.21 19.08 1.24
CA GLN A 38 4.70 18.39 2.41
C GLN A 38 5.82 17.84 3.27
N LEU A 39 6.76 17.12 2.66
CA LEU A 39 7.87 16.53 3.39
C LEU A 39 8.55 17.53 4.32
N SER A 40 8.86 18.71 3.80
CA SER A 40 9.52 19.73 4.62
C SER A 40 8.59 20.14 5.75
N ARG A 41 7.32 20.29 5.42
CA ARG A 41 6.33 20.68 6.41
C ARG A 41 6.30 19.64 7.53
N ASP A 42 6.40 18.37 7.16
CA ASP A 42 6.39 17.29 8.12
C ASP A 42 7.56 17.43 9.11
N LYS A 43 8.77 17.49 8.58
CA LYS A 43 9.96 17.61 9.42
C LYS A 43 9.98 18.87 10.29
N ALA A 44 9.60 20.01 9.72
CA ALA A 44 9.60 21.25 10.47
C ALA A 44 8.59 21.20 11.62
N SER A 45 7.46 20.56 11.37
CA SER A 45 6.40 20.46 12.37
C SER A 45 6.84 19.67 13.60
N LEU A 46 7.46 18.51 13.39
CA LEU A 46 7.91 17.69 14.50
C LEU A 46 8.96 18.49 15.26
N ALA A 47 9.88 19.10 14.50
CA ALA A 47 10.94 19.88 15.11
C ALA A 47 10.40 21.04 15.96
N ALA A 48 9.30 21.65 15.50
CA ALA A 48 8.72 22.77 16.20
C ALA A 48 8.13 22.37 17.56
N GLU A 49 7.92 21.08 17.77
CA GLU A 49 7.35 20.62 19.05
C GLU A 49 8.43 20.55 20.12
N LEU A 50 9.67 20.40 19.70
CA LEU A 50 10.78 20.32 20.64
C LEU A 50 11.28 21.69 21.02
N ALA A 51 11.76 21.81 22.24
CA ALA A 51 12.28 23.07 22.74
C ALA A 51 13.79 23.06 22.51
N PRO A 52 14.40 24.24 22.37
CA PRO A 52 15.84 24.29 22.15
C PRO A 52 16.60 23.55 23.25
N GLY A 53 17.37 22.55 22.84
CA GLY A 53 18.14 21.78 23.80
C GLY A 53 17.37 20.67 24.48
N GLN A 54 16.06 20.62 24.26
CA GLN A 54 15.24 19.58 24.87
C GLN A 54 15.61 18.21 24.31
N PRO A 55 15.98 17.27 25.18
CA PRO A 55 16.34 15.95 24.69
C PRO A 55 15.18 15.25 23.96
N LEU A 56 15.52 14.48 22.95
CA LEU A 56 14.53 13.75 22.18
C LEU A 56 13.78 12.76 23.05
N PRO A 57 12.45 12.67 22.87
CA PRO A 57 11.74 11.71 23.70
C PRO A 57 12.09 10.32 23.13
N PRO A 58 11.86 9.26 23.91
CA PRO A 58 12.18 7.90 23.43
C PRO A 58 11.44 7.56 22.12
N PRO A 59 11.95 6.60 21.34
CA PRO A 59 11.25 6.25 20.11
C PRO A 59 9.88 5.67 20.49
N PRO A 60 8.85 5.85 19.64
CA PRO A 60 7.55 5.32 19.98
C PRO A 60 7.48 3.80 19.95
N ALA A 61 6.34 3.24 20.35
CA ALA A 61 6.15 1.79 20.39
C ALA A 61 6.22 1.17 19.00
N GLU A 62 6.70 -0.07 18.94
CA GLU A 62 6.80 -0.81 17.67
C GLU A 62 6.38 -2.27 17.89
N GLY A 63 5.90 -2.90 16.81
CA GLY A 63 5.46 -4.28 16.88
C GLY A 63 4.17 -4.46 16.09
N LYS A 64 3.48 -5.59 16.27
CA LYS A 64 2.22 -5.83 15.56
C LYS A 64 1.23 -4.72 15.88
N GLY A 65 0.69 -4.08 14.84
CA GLY A 65 -0.23 -2.99 15.06
C GLY A 65 -1.69 -3.28 14.77
N ALA A 66 -1.99 -3.67 13.54
CA ALA A 66 -3.36 -3.98 13.11
C ALA A 66 -4.23 -4.69 14.15
N ASP A 67 -3.63 -5.58 14.95
CA ASP A 67 -4.38 -6.31 15.96
C ASP A 67 -4.83 -5.44 17.14
N THR A 68 -4.32 -4.20 17.19
CA THR A 68 -4.69 -3.27 18.25
C THR A 68 -5.77 -2.32 17.73
N MET A 69 -6.12 -2.49 16.45
CA MET A 69 -7.15 -1.69 15.79
C MET A 69 -8.15 -2.66 15.12
N PRO A 70 -8.78 -3.52 15.94
CA PRO A 70 -9.75 -4.47 15.38
C PRO A 70 -10.91 -3.77 14.71
N LEU A 71 -11.22 -4.18 13.49
CA LEU A 71 -12.30 -3.58 12.72
C LEU A 71 -13.57 -4.44 12.71
N ASP A 72 -13.52 -5.60 13.34
CA ASP A 72 -14.68 -6.48 13.34
C ASP A 72 -15.28 -6.77 14.71
N LYS A 73 -14.97 -5.94 15.70
CA LYS A 73 -15.53 -6.16 17.04
C LYS A 73 -17.01 -5.76 17.04
N PRO A 74 -17.75 -6.12 18.10
CA PRO A 74 -19.16 -5.76 18.14
C PRO A 74 -19.30 -4.24 18.23
N ALA A 75 -20.46 -3.72 17.85
CA ALA A 75 -20.72 -2.28 17.89
C ALA A 75 -20.38 -1.69 19.25
N ALA A 76 -20.98 -2.26 20.30
CA ALA A 76 -20.76 -1.80 21.66
C ALA A 76 -19.28 -1.57 22.00
N TRP A 77 -18.40 -2.44 21.53
CA TRP A 77 -16.99 -2.28 21.85
C TRP A 77 -16.44 -0.91 21.44
N TYR A 78 -16.95 -0.34 20.36
CA TYR A 78 -16.46 0.95 19.89
C TYR A 78 -16.96 2.14 20.70
N THR A 79 -17.64 1.87 21.81
CA THR A 79 -18.09 2.98 22.65
C THR A 79 -17.38 2.85 23.98
N SER A 80 -16.48 1.88 24.07
CA SER A 80 -15.72 1.64 25.30
C SER A 80 -14.49 2.53 25.44
N LYS A 81 -13.97 2.60 26.66
CA LYS A 81 -12.80 3.42 26.95
C LYS A 81 -11.61 2.84 26.20
N ALA A 82 -11.59 1.53 26.02
CA ALA A 82 -10.49 0.90 25.33
C ALA A 82 -10.43 1.35 23.87
N ALA A 83 -11.58 1.42 23.21
CA ALA A 83 -11.63 1.83 21.81
C ALA A 83 -11.39 3.35 21.64
N ARG A 84 -11.88 4.12 22.59
CA ARG A 84 -11.74 5.57 22.60
C ARG A 84 -10.27 5.93 22.76
N HIS A 85 -9.55 5.14 23.55
CA HIS A 85 -8.13 5.39 23.76
C HIS A 85 -7.31 5.06 22.51
N VAL A 86 -7.65 3.98 21.83
CA VAL A 86 -6.96 3.59 20.60
C VAL A 86 -7.11 4.73 19.60
N ALA A 87 -8.28 5.37 19.63
CA ALA A 87 -8.58 6.49 18.74
C ALA A 87 -7.68 7.68 19.08
N ASP A 88 -7.56 7.97 20.37
CA ASP A 88 -6.73 9.07 20.84
C ASP A 88 -5.27 8.81 20.42
N VAL A 89 -4.81 7.57 20.59
CA VAL A 89 -3.44 7.21 20.21
C VAL A 89 -3.28 7.46 18.71
N ILE A 90 -4.26 7.00 17.95
CA ILE A 90 -4.26 7.17 16.50
C ILE A 90 -4.18 8.65 16.14
N VAL A 91 -5.08 9.46 16.72
CA VAL A 91 -5.10 10.89 16.45
C VAL A 91 -3.77 11.58 16.78
N SER A 92 -3.10 11.12 17.83
CA SER A 92 -1.83 11.72 18.26
C SER A 92 -0.61 11.37 17.40
N PHE A 93 -0.70 10.29 16.64
CA PHE A 93 0.42 9.86 15.81
C PHE A 93 0.28 10.16 14.33
N GLN A 94 -0.79 10.85 13.95
CA GLN A 94 -0.99 11.18 12.55
C GLN A 94 0.05 12.21 12.17
N THR A 95 0.66 12.06 11.00
CA THR A 95 1.67 13.00 10.55
C THR A 95 1.01 14.26 10.02
N PRO A 96 1.74 15.39 10.02
CA PRO A 96 1.19 16.65 9.52
C PRO A 96 0.51 16.49 8.17
N ALA A 97 1.00 15.54 7.38
CA ALA A 97 0.47 15.28 6.06
C ALA A 97 -0.90 14.62 6.15
N GLY A 98 -1.12 13.88 7.24
CA GLY A 98 -2.40 13.22 7.42
C GLY A 98 -2.31 11.70 7.40
N GLY A 99 -1.09 11.19 7.28
CA GLY A 99 -0.89 9.74 7.24
C GLY A 99 -0.37 9.15 8.54
N TRP A 100 -0.03 7.87 8.50
CA TRP A 100 0.46 7.12 9.66
C TRP A 100 1.57 6.16 9.22
N GLY A 101 2.40 5.75 10.17
CA GLY A 101 3.46 4.79 9.87
C GLY A 101 2.95 3.38 10.15
N LYS A 102 3.76 2.37 9.88
CA LYS A 102 3.34 0.98 10.11
C LYS A 102 3.98 0.37 11.34
N ASN A 103 3.55 -0.84 11.66
CA ASN A 103 4.11 -1.58 12.80
C ASN A 103 4.11 -0.79 14.10
N GLN A 104 2.99 -0.18 14.42
CA GLN A 104 2.88 0.59 15.65
C GLN A 104 1.62 0.26 16.44
N PRO A 105 1.77 -0.41 17.59
CA PRO A 105 0.59 -0.74 18.40
C PRO A 105 -0.03 0.59 18.80
N ARG A 106 -1.36 0.69 18.72
CA ARG A 106 -2.02 1.93 19.06
C ARG A 106 -2.82 1.82 20.36
N ASP A 107 -2.47 0.82 21.17
CA ASP A 107 -3.18 0.63 22.43
C ASP A 107 -2.36 1.09 23.62
N GLY A 108 -1.19 1.68 23.35
CA GLY A 108 -0.34 2.15 24.41
C GLY A 108 -0.41 3.64 24.69
N ALA A 109 0.75 4.28 24.78
CA ALA A 109 0.84 5.71 25.07
C ALA A 109 0.52 6.63 23.90
N LEU A 110 0.20 7.89 24.20
CA LEU A 110 -0.07 8.89 23.17
C LEU A 110 1.33 9.42 22.79
N ARG A 111 1.45 9.96 21.58
CA ARG A 111 2.74 10.49 21.14
C ARG A 111 3.08 11.71 21.97
N LEU A 112 4.31 11.79 22.47
CA LEU A 112 4.77 12.94 23.26
C LEU A 112 5.14 14.06 22.29
N PRO A 113 5.15 15.32 22.76
CA PRO A 113 5.51 16.42 21.86
C PRO A 113 6.97 16.22 21.44
N GLY A 114 7.26 16.35 20.16
CA GLY A 114 8.63 16.18 19.70
C GLY A 114 9.01 14.73 19.46
N GLN A 115 8.13 13.80 19.83
CA GLN A 115 8.41 12.39 19.64
C GLN A 115 8.06 12.01 18.21
N HIS A 116 8.91 11.17 17.60
CA HIS A 116 8.71 10.75 16.24
C HIS A 116 7.33 10.14 15.99
N TYR A 117 6.83 10.30 14.77
CA TYR A 117 5.52 9.80 14.38
C TYR A 117 5.50 8.29 14.15
N THR A 118 6.60 7.75 13.64
CA THR A 118 6.64 6.32 13.33
C THR A 118 7.71 5.46 14.00
N GLY A 119 8.96 5.91 14.00
CA GLY A 119 9.99 5.10 14.60
C GLY A 119 11.40 5.54 14.23
N GLU A 120 12.33 5.32 15.15
CA GLU A 120 13.72 5.68 14.96
C GLU A 120 14.58 4.94 15.98
N ASN A 121 15.89 4.92 15.75
CA ASN A 121 16.83 4.24 16.64
C ASN A 121 17.01 5.01 17.94
N VAL A 122 17.38 4.29 19.00
CA VAL A 122 17.62 4.91 20.28
C VAL A 122 18.86 5.77 20.11
N ALA A 123 18.76 7.04 20.49
CA ALA A 123 19.90 7.94 20.37
C ALA A 123 20.91 7.61 21.45
N LYS A 124 21.67 6.55 21.26
CA LYS A 124 22.67 6.14 22.22
C LYS A 124 23.64 7.30 22.44
N VAL A 125 24.28 7.35 23.60
CA VAL A 125 25.20 8.43 23.89
C VAL A 125 26.61 7.98 24.28
N LYS A 126 27.61 8.61 23.66
CA LYS A 126 29.02 8.33 23.91
C LYS A 126 29.42 6.94 23.44
N ARG A 136 19.22 19.25 13.29
CA ARG A 136 18.33 18.16 13.69
C ARG A 136 18.20 17.15 12.54
N ASP A 137 18.99 16.08 12.58
CA ASP A 137 18.95 15.05 11.55
C ASP A 137 18.34 13.75 12.06
N ARG A 138 17.03 13.63 12.01
CA ARG A 138 16.36 12.42 12.50
C ARG A 138 16.00 11.44 11.39
N ASP A 139 15.88 10.15 11.76
CA ASP A 139 15.52 9.11 10.81
C ASP A 139 14.20 9.48 10.14
N TRP A 140 14.04 9.11 8.88
CA TRP A 140 12.82 9.43 8.18
C TRP A 140 12.43 8.36 7.17
N HIS A 141 11.98 7.21 7.67
CA HIS A 141 11.57 6.10 6.83
C HIS A 141 10.13 5.70 7.13
N TYR A 142 9.33 5.52 6.08
CA TYR A 142 7.93 5.14 6.20
C TYR A 142 7.15 6.12 7.08
N VAL A 143 7.47 7.40 6.97
CA VAL A 143 6.77 8.41 7.74
C VAL A 143 5.55 8.82 6.93
N GLY A 144 4.66 7.86 6.75
CA GLY A 144 3.46 8.05 5.97
C GLY A 144 3.52 6.97 4.92
N THR A 145 3.03 5.78 5.27
CA THR A 145 3.05 4.63 4.36
C THR A 145 1.70 3.90 4.36
N ILE A 146 1.48 3.08 3.34
CA ILE A 146 0.26 2.28 3.24
C ILE A 146 0.69 0.81 3.21
N ASP A 147 1.91 0.57 3.66
CA ASP A 147 2.44 -0.79 3.71
C ASP A 147 2.02 -1.38 5.04
N ASN A 148 1.95 -2.70 5.11
CA ASN A 148 1.52 -3.39 6.33
C ASN A 148 0.18 -2.89 6.86
N ASP A 149 -0.67 -2.42 5.95
CA ASP A 149 -2.02 -1.95 6.28
C ASP A 149 -2.04 -0.59 6.95
N ALA A 150 -0.94 0.14 6.87
CA ALA A 150 -0.87 1.44 7.51
C ALA A 150 -1.84 2.44 6.90
N THR A 151 -2.12 3.49 7.65
CA THR A 151 -3.00 4.58 7.24
C THR A 151 -4.43 4.13 6.97
N VAL A 152 -4.59 3.15 6.09
CA VAL A 152 -5.91 2.65 5.77
C VAL A 152 -6.62 2.09 7.01
N THR A 153 -5.91 1.30 7.81
CA THR A 153 -6.55 0.75 9.01
C THR A 153 -6.96 1.83 9.97
N GLU A 154 -6.06 2.77 10.26
CA GLU A 154 -6.35 3.87 11.19
C GLU A 154 -7.61 4.66 10.83
N ILE A 155 -7.81 4.90 9.54
CA ILE A 155 -8.97 5.66 9.06
C ILE A 155 -10.25 4.84 9.23
N ARG A 156 -10.17 3.53 9.02
CA ARG A 156 -11.34 2.68 9.17
C ARG A 156 -11.75 2.60 10.63
N PHE A 157 -10.76 2.46 11.52
CA PHE A 157 -11.02 2.36 12.95
C PHE A 157 -11.65 3.64 13.44
N LEU A 158 -11.03 4.75 13.06
CA LEU A 158 -11.49 6.07 13.42
C LEU A 158 -12.99 6.16 13.06
N ALA A 159 -13.33 5.73 11.85
CA ALA A 159 -14.72 5.77 11.38
C ALA A 159 -15.67 4.86 12.15
N GLN A 160 -15.19 3.72 12.64
CA GLN A 160 -16.05 2.83 13.41
C GLN A 160 -16.43 3.52 14.71
N VAL A 161 -15.42 4.04 15.41
CA VAL A 161 -15.65 4.74 16.67
C VAL A 161 -16.63 5.88 16.46
N VAL A 162 -16.37 6.71 15.45
CA VAL A 162 -17.24 7.82 15.15
C VAL A 162 -18.69 7.38 15.04
N SER A 163 -18.94 6.39 14.18
CA SER A 163 -20.28 5.86 13.95
C SER A 163 -21.04 5.35 15.18
N GLN A 164 -20.36 5.15 16.30
CA GLN A 164 -21.03 4.65 17.50
C GLN A 164 -21.07 5.68 18.63
N LEU A 165 -20.55 6.87 18.36
CA LEU A 165 -20.54 7.94 19.35
C LEU A 165 -21.50 9.06 18.94
N ALA A 166 -21.68 10.04 19.83
CA ALA A 166 -22.54 11.16 19.54
C ALA A 166 -21.77 12.12 18.62
N PRO A 167 -22.44 12.67 17.61
CA PRO A 167 -21.78 13.60 16.67
C PRO A 167 -21.00 14.71 17.39
N GLU A 168 -21.59 15.24 18.45
CA GLU A 168 -20.95 16.32 19.21
C GLU A 168 -19.73 15.87 20.02
N GLU A 169 -19.52 14.55 20.15
CA GLU A 169 -18.40 14.05 20.93
C GLU A 169 -17.33 13.36 20.08
N ALA A 170 -17.44 13.46 18.76
CA ALA A 170 -16.50 12.77 17.86
C ALA A 170 -15.83 13.66 16.82
N ALA A 171 -15.69 14.94 17.09
CA ALA A 171 -15.07 15.86 16.13
C ALA A 171 -13.60 15.55 15.84
N PRO A 172 -12.79 15.32 16.89
CA PRO A 172 -11.37 15.03 16.68
C PRO A 172 -11.13 13.81 15.78
N TYR A 173 -11.87 12.73 16.04
CA TYR A 173 -11.74 11.51 15.28
C TYR A 173 -12.19 11.71 13.85
N ARG A 174 -13.24 12.48 13.65
CA ARG A 174 -13.73 12.75 12.29
C ARG A 174 -12.68 13.59 11.57
N ASP A 175 -12.19 14.62 12.25
CA ASP A 175 -11.21 15.51 11.65
C ASP A 175 -9.93 14.78 11.24
N ALA A 176 -9.49 13.85 12.07
CA ALA A 176 -8.30 13.08 11.76
C ALA A 176 -8.63 12.11 10.62
N ALA A 177 -9.90 11.71 10.55
CA ALA A 177 -10.32 10.79 9.51
C ALA A 177 -10.30 11.52 8.18
N LEU A 178 -10.83 12.75 8.16
CA LEU A 178 -10.83 13.54 6.95
C LEU A 178 -9.41 13.89 6.50
N LYS A 179 -8.52 14.13 7.44
CA LYS A 179 -7.14 14.43 7.09
C LYS A 179 -6.58 13.18 6.41
N GLY A 180 -6.88 12.02 6.98
CA GLY A 180 -6.40 10.79 6.42
C GLY A 180 -6.90 10.58 5.01
N ILE A 181 -8.15 10.93 4.75
CA ILE A 181 -8.71 10.76 3.42
C ILE A 181 -8.08 11.78 2.46
N GLU A 182 -7.77 12.97 2.97
CA GLU A 182 -7.13 14.00 2.16
C GLU A 182 -5.70 13.57 1.82
N TYR A 183 -5.10 12.84 2.75
CA TYR A 183 -3.75 12.31 2.58
C TYR A 183 -3.74 11.34 1.40
N LEU A 184 -4.62 10.34 1.45
CA LEU A 184 -4.68 9.35 0.39
C LEU A 184 -5.03 10.00 -0.96
N LEU A 185 -5.76 11.10 -0.93
CA LEU A 185 -6.13 11.75 -2.19
C LEU A 185 -4.96 12.51 -2.79
N ALA A 186 -4.16 13.13 -1.93
CA ALA A 186 -3.00 13.91 -2.36
C ALA A 186 -1.84 13.04 -2.84
N SER A 187 -1.64 11.89 -2.22
CA SER A 187 -0.54 11.02 -2.61
C SER A 187 -0.78 10.22 -3.88
N GLN A 188 -2.01 10.16 -4.36
CA GLN A 188 -2.32 9.41 -5.57
C GLN A 188 -1.62 10.01 -6.79
N PHE A 189 -1.00 9.16 -7.60
CA PHE A 189 -0.29 9.59 -8.81
C PHE A 189 -1.18 10.22 -9.86
N PRO A 190 -0.60 10.99 -10.79
CA PRO A 190 -1.41 11.61 -11.83
C PRO A 190 -2.15 10.57 -12.67
N ASN A 191 -1.62 9.35 -12.69
CA ASN A 191 -2.25 8.29 -13.46
C ASN A 191 -3.05 7.32 -12.58
N GLY A 192 -3.42 7.79 -11.39
CA GLY A 192 -4.23 6.99 -10.48
C GLY A 192 -3.55 6.01 -9.55
N GLY A 193 -2.29 5.70 -9.79
CA GLY A 193 -1.58 4.75 -8.94
C GLY A 193 -1.22 5.32 -7.58
N TRP A 194 -0.57 4.49 -6.77
CA TRP A 194 -0.16 4.89 -5.42
C TRP A 194 1.23 4.41 -5.03
N PRO A 195 2.00 5.28 -4.36
CA PRO A 195 3.35 4.95 -3.90
C PRO A 195 3.22 4.33 -2.51
N GLN A 196 4.19 3.50 -2.14
CA GLN A 196 4.19 2.82 -0.84
C GLN A 196 4.38 3.80 0.31
N VAL A 197 5.10 4.89 0.05
CA VAL A 197 5.39 5.90 1.05
C VAL A 197 5.14 7.28 0.45
N TRP A 198 4.61 8.20 1.26
CA TRP A 198 4.32 9.55 0.80
C TRP A 198 4.18 10.46 2.01
N PRO A 199 4.81 11.65 1.97
CA PRO A 199 5.64 12.19 0.88
C PRO A 199 6.71 11.22 0.39
N LEU A 200 7.02 11.33 -0.89
CA LEU A 200 8.01 10.45 -1.52
C LEU A 200 9.32 10.34 -0.76
N GLU A 201 9.72 9.09 -0.53
CA GLU A 201 10.95 8.76 0.18
C GLU A 201 12.04 8.36 -0.81
N GLY A 202 11.64 8.04 -2.04
CA GLY A 202 12.60 7.65 -3.05
C GLY A 202 12.72 6.14 -3.20
N GLY A 203 13.56 5.70 -4.12
CA GLY A 203 13.74 4.27 -4.33
C GLY A 203 12.51 3.52 -4.81
N TYR A 204 12.47 2.22 -4.53
CA TYR A 204 11.34 1.41 -4.95
C TYR A 204 10.07 1.78 -4.21
N HIS A 205 10.20 2.66 -3.23
CA HIS A 205 9.05 3.11 -2.45
C HIS A 205 8.21 4.03 -3.32
N ASP A 206 8.82 4.54 -4.38
CA ASP A 206 8.17 5.44 -5.32
C ASP A 206 7.41 4.71 -6.43
N ALA A 207 7.41 3.38 -6.36
CA ALA A 207 6.74 2.57 -7.37
C ALA A 207 5.26 2.38 -7.07
N ILE A 208 4.47 2.14 -8.11
CA ILE A 208 3.05 1.89 -7.93
C ILE A 208 3.04 0.60 -7.14
N THR A 209 2.74 0.69 -5.85
CA THR A 209 2.79 -0.46 -4.95
C THR A 209 1.56 -1.34 -4.76
N TYR A 210 1.61 -2.54 -5.32
CA TYR A 210 0.52 -3.51 -5.17
C TYR A 210 0.90 -4.37 -3.99
N ASN A 211 2.20 -4.49 -3.77
CA ASN A 211 2.79 -5.28 -2.70
C ASN A 211 2.10 -5.14 -1.35
N ASP A 212 1.72 -6.28 -0.78
CA ASP A 212 1.05 -6.36 0.52
C ASP A 212 -0.37 -5.79 0.50
N ASP A 213 -0.98 -5.74 -0.68
CA ASP A 213 -2.33 -5.22 -0.85
C ASP A 213 -2.42 -3.71 -0.66
N ALA A 214 -1.28 -3.04 -0.58
CA ALA A 214 -1.27 -1.61 -0.39
C ALA A 214 -2.27 -0.85 -1.28
N LEU A 215 -2.12 -0.93 -2.60
CA LEU A 215 -3.01 -0.20 -3.50
C LEU A 215 -4.46 -0.69 -3.47
N VAL A 216 -4.65 -1.99 -3.34
CA VAL A 216 -6.00 -2.54 -3.30
C VAL A 216 -6.75 -2.02 -2.07
N HIS A 217 -6.07 -2.01 -0.92
CA HIS A 217 -6.69 -1.54 0.31
C HIS A 217 -7.08 -0.06 0.20
N VAL A 218 -6.23 0.74 -0.44
CA VAL A 218 -6.50 2.17 -0.61
C VAL A 218 -7.74 2.36 -1.46
N ALA A 219 -7.80 1.63 -2.56
CA ALA A 219 -8.93 1.73 -3.49
C ALA A 219 -10.24 1.24 -2.87
N GLU A 220 -10.17 0.25 -2.00
CA GLU A 220 -11.38 -0.25 -1.38
C GLU A 220 -11.86 0.76 -0.33
N LEU A 221 -10.91 1.43 0.31
CA LEU A 221 -11.26 2.44 1.29
C LEU A 221 -11.97 3.59 0.59
N LEU A 222 -11.36 4.16 -0.44
CA LEU A 222 -12.00 5.26 -1.15
C LEU A 222 -13.34 4.81 -1.75
N SER A 223 -13.41 3.56 -2.20
CA SER A 223 -14.64 3.08 -2.76
C SER A 223 -15.73 3.23 -1.69
N ASP A 224 -15.47 2.64 -0.52
CA ASP A 224 -16.42 2.71 0.59
C ASP A 224 -16.78 4.15 0.98
N ILE A 225 -15.79 5.04 0.99
CA ILE A 225 -16.04 6.44 1.31
C ILE A 225 -16.98 7.02 0.28
N ALA A 226 -16.67 6.76 -0.99
CA ALA A 226 -17.52 7.24 -2.07
C ALA A 226 -18.97 6.78 -1.80
N ALA A 227 -19.13 5.56 -1.30
CA ALA A 227 -20.45 5.02 -1.01
C ALA A 227 -21.02 5.47 0.34
N GLY A 228 -20.18 6.06 1.19
CA GLY A 228 -20.62 6.52 2.48
C GLY A 228 -20.87 5.41 3.49
N ARG A 229 -20.25 4.26 3.27
CA ARG A 229 -20.44 3.13 4.17
C ARG A 229 -19.35 2.95 5.22
N ASP A 230 -19.57 1.96 6.09
CA ASP A 230 -18.62 1.64 7.16
C ASP A 230 -18.34 2.81 8.08
N GLY A 231 -19.31 3.69 8.25
CA GLY A 231 -19.10 4.83 9.12
C GLY A 231 -18.58 6.10 8.47
N PHE A 232 -18.53 6.15 7.14
CA PHE A 232 -18.04 7.37 6.47
C PHE A 232 -19.19 8.28 6.03
N GLY A 233 -20.37 8.04 6.56
CA GLY A 233 -21.52 8.87 6.21
C GLY A 233 -21.32 10.33 6.55
N PHE A 234 -20.40 10.62 7.47
CA PHE A 234 -20.13 12.00 7.85
C PHE A 234 -19.25 12.73 6.83
N VAL A 235 -18.75 12.00 5.85
CA VAL A 235 -17.88 12.62 4.86
C VAL A 235 -18.59 13.50 3.84
N PRO A 236 -18.18 14.78 3.78
CA PRO A 236 -18.76 15.77 2.86
C PRO A 236 -18.89 15.21 1.46
N PRO A 237 -20.01 15.53 0.77
CA PRO A 237 -20.21 15.03 -0.58
C PRO A 237 -19.11 15.43 -1.55
N ALA A 238 -18.56 16.63 -1.39
CA ALA A 238 -17.48 17.08 -2.28
C ALA A 238 -16.31 16.10 -2.22
N ILE A 239 -16.00 15.64 -1.02
CA ILE A 239 -14.90 14.71 -0.83
C ILE A 239 -15.26 13.28 -1.25
N ARG A 240 -16.52 12.90 -1.09
CA ARG A 240 -16.91 11.55 -1.49
C ARG A 240 -16.88 11.45 -3.01
N THR A 241 -17.15 12.57 -3.67
CA THR A 241 -17.14 12.59 -5.13
C THR A 241 -15.70 12.37 -5.58
N ARG A 242 -14.76 13.04 -4.90
CA ARG A 242 -13.34 12.89 -5.21
C ARG A 242 -12.87 11.45 -4.98
N ALA A 243 -13.33 10.81 -3.91
CA ALA A 243 -12.94 9.44 -3.63
C ALA A 243 -13.43 8.51 -4.72
N LEU A 244 -14.58 8.85 -5.32
CA LEU A 244 -15.12 8.04 -6.39
C LEU A 244 -14.24 8.16 -7.63
N GLU A 245 -13.96 9.40 -8.03
CA GLU A 245 -13.12 9.67 -9.18
C GLU A 245 -11.77 8.98 -8.97
N ALA A 246 -11.26 9.08 -7.75
CA ALA A 246 -9.99 8.46 -7.39
C ALA A 246 -10.05 6.94 -7.55
N THR A 247 -11.12 6.32 -7.07
CA THR A 247 -11.28 4.88 -7.17
C THR A 247 -11.31 4.45 -8.65
N ASN A 248 -11.95 5.27 -9.48
CA ASN A 248 -12.04 4.96 -10.90
C ASN A 248 -10.64 5.04 -11.51
N ALA A 249 -9.89 6.06 -11.10
CA ALA A 249 -8.53 6.24 -11.61
C ALA A 249 -7.67 5.06 -11.17
N ALA A 250 -7.82 4.64 -9.92
CA ALA A 250 -7.06 3.52 -9.43
C ALA A 250 -7.37 2.25 -10.22
N ILE A 251 -8.63 2.04 -10.56
CA ILE A 251 -9.05 0.87 -11.32
C ILE A 251 -8.40 0.95 -12.69
N HIS A 252 -8.49 2.11 -13.32
CA HIS A 252 -7.90 2.31 -14.63
C HIS A 252 -6.43 1.88 -14.55
N CYS A 253 -5.72 2.47 -13.60
CA CYS A 253 -4.31 2.16 -13.39
C CYS A 253 -4.07 0.64 -13.41
N ILE A 254 -4.81 -0.08 -12.60
CA ILE A 254 -4.68 -1.54 -12.54
C ILE A 254 -4.81 -2.13 -13.95
N VAL A 255 -5.68 -1.53 -14.75
CA VAL A 255 -5.93 -1.96 -16.13
C VAL A 255 -4.77 -1.64 -17.06
N GLU A 256 -4.29 -0.39 -17.02
CA GLU A 256 -3.19 0.06 -17.87
C GLU A 256 -1.83 -0.47 -17.42
N THR A 257 -1.80 -1.25 -16.35
CA THR A 257 -0.54 -1.79 -15.84
C THR A 257 -0.43 -3.30 -16.02
N GLN A 258 -1.56 -3.95 -16.27
CA GLN A 258 -1.55 -5.40 -16.43
C GLN A 258 -0.54 -5.79 -17.50
N VAL A 259 0.28 -6.78 -17.20
CA VAL A 259 1.29 -7.25 -18.14
C VAL A 259 0.64 -7.99 -19.31
N VAL A 260 0.91 -7.49 -20.51
CA VAL A 260 0.37 -8.09 -21.73
C VAL A 260 1.49 -8.81 -22.51
N GLN A 261 1.51 -10.13 -22.39
CA GLN A 261 2.53 -10.95 -23.06
C GLN A 261 2.26 -11.07 -24.56
N ASP A 262 2.27 -9.92 -25.23
CA ASP A 262 2.04 -9.87 -26.67
C ASP A 262 0.75 -10.60 -27.04
N GLY A 263 -0.36 -9.89 -26.90
CA GLY A 263 -1.66 -10.47 -27.21
C GLY A 263 -2.40 -10.92 -25.96
N LYS A 264 -1.76 -11.75 -25.15
CA LYS A 264 -2.37 -12.26 -23.94
C LYS A 264 -2.13 -11.34 -22.72
N ARG A 265 -3.01 -11.47 -21.73
CA ARG A 265 -2.93 -10.70 -20.50
C ARG A 265 -2.29 -11.60 -19.46
N LEU A 266 -1.59 -11.02 -18.50
CA LEU A 266 -0.96 -11.82 -17.46
C LEU A 266 -1.13 -11.21 -16.06
N GLY A 267 -0.26 -11.63 -15.14
CA GLY A 267 -0.31 -11.13 -13.77
C GLY A 267 0.08 -9.66 -13.64
N TRP A 268 0.51 -9.26 -12.45
CA TRP A 268 0.88 -7.87 -12.20
C TRP A 268 2.24 -7.59 -11.58
N GLY A 269 2.67 -8.42 -10.64
CA GLY A 269 3.95 -8.14 -10.00
C GLY A 269 3.82 -7.09 -8.91
N GLN A 270 4.48 -7.34 -7.78
CA GLN A 270 4.45 -6.46 -6.61
C GLN A 270 4.56 -4.95 -6.83
N GLN A 271 5.45 -4.50 -7.72
CA GLN A 271 5.55 -3.07 -7.95
C GLN A 271 5.77 -2.74 -9.42
N HIS A 272 5.36 -1.54 -9.82
CA HIS A 272 5.51 -1.07 -11.19
C HIS A 272 6.06 0.33 -11.11
N ASP A 273 6.77 0.72 -12.17
CA ASP A 273 7.33 2.06 -12.25
C ASP A 273 6.18 3.05 -12.46
N ALA A 274 6.20 4.18 -11.79
CA ALA A 274 5.13 5.14 -11.94
C ALA A 274 5.11 5.72 -13.34
N LEU A 275 6.22 5.59 -14.06
CA LEU A 275 6.28 6.14 -15.41
C LEU A 275 6.34 5.05 -16.50
N THR A 276 7.10 4.00 -16.22
CA THR A 276 7.25 2.89 -17.15
C THR A 276 6.04 1.97 -17.14
N LEU A 277 5.42 1.83 -15.96
CA LEU A 277 4.27 0.97 -15.78
C LEU A 277 4.63 -0.50 -15.85
N ARG A 278 5.86 -0.80 -16.24
CA ARG A 278 6.28 -2.20 -16.31
C ARG A 278 6.70 -2.65 -14.92
N PRO A 279 6.57 -3.94 -14.63
CA PRO A 279 6.98 -4.41 -13.31
C PRO A 279 8.42 -3.99 -13.03
N THR A 280 8.66 -3.42 -11.85
CA THR A 280 10.00 -3.00 -11.47
C THR A 280 10.39 -3.83 -10.26
N SER A 281 11.58 -3.57 -9.74
CA SER A 281 12.08 -4.33 -8.60
C SER A 281 11.85 -3.61 -7.28
N ALA A 282 12.15 -4.32 -6.19
CA ALA A 282 12.02 -3.78 -4.84
C ALA A 282 13.36 -3.94 -4.11
N ARG A 283 13.43 -4.90 -3.19
CA ARG A 283 14.66 -5.14 -2.45
C ARG A 283 15.64 -5.99 -3.28
N ASN A 284 16.88 -6.08 -2.82
CA ASN A 284 17.89 -6.85 -3.53
C ASN A 284 17.43 -8.24 -3.96
N PHE A 285 16.61 -8.87 -3.13
CA PHE A 285 16.11 -10.22 -3.44
C PHE A 285 14.73 -10.24 -4.06
N GLU A 286 14.27 -9.08 -4.55
CA GLU A 286 12.96 -8.97 -5.17
C GLU A 286 13.08 -8.29 -6.54
N PRO A 287 13.30 -9.08 -7.60
CA PRO A 287 13.46 -8.59 -8.97
C PRO A 287 12.13 -8.32 -9.66
N ALA A 288 12.16 -7.45 -10.67
CA ALA A 288 10.96 -7.11 -11.41
C ALA A 288 10.39 -8.41 -11.96
N ALA A 289 9.17 -8.75 -11.58
CA ALA A 289 8.57 -10.00 -12.03
C ALA A 289 7.10 -10.17 -11.64
N LEU A 290 6.34 -10.84 -12.50
CA LEU A 290 4.92 -11.10 -12.25
C LEU A 290 4.79 -11.75 -10.88
N SER A 291 3.76 -11.36 -10.14
CA SER A 291 3.54 -11.91 -8.80
C SER A 291 2.23 -12.67 -8.71
N SER A 292 2.31 -13.94 -8.30
CA SER A 292 1.13 -14.77 -8.18
C SER A 292 0.16 -14.21 -7.14
N THR A 293 0.68 -14.05 -5.92
CA THR A 293 -0.10 -13.55 -4.78
C THR A 293 -0.69 -12.15 -4.97
N GLU A 294 0.10 -11.21 -5.47
CA GLU A 294 -0.40 -9.86 -5.66
C GLU A 294 -1.39 -9.77 -6.82
N SER A 295 -1.30 -10.72 -7.76
CA SER A 295 -2.21 -10.75 -8.90
C SER A 295 -3.56 -11.25 -8.44
N ALA A 296 -3.56 -12.30 -7.63
CA ALA A 296 -4.79 -12.87 -7.11
C ALA A 296 -5.58 -11.81 -6.33
N ARG A 297 -4.87 -10.95 -5.62
CA ARG A 297 -5.51 -9.90 -4.85
C ARG A 297 -6.12 -8.87 -5.78
N ILE A 298 -5.38 -8.44 -6.79
CA ILE A 298 -5.88 -7.46 -7.73
C ILE A 298 -7.10 -7.99 -8.47
N LEU A 299 -7.11 -9.29 -8.70
CA LEU A 299 -8.20 -9.94 -9.41
C LEU A 299 -9.46 -9.98 -8.55
N LEU A 300 -9.31 -10.42 -7.30
CA LEU A 300 -10.42 -10.48 -6.38
C LEU A 300 -11.05 -9.11 -6.28
N PHE A 301 -10.22 -8.07 -6.38
CA PHE A 301 -10.68 -6.70 -6.31
C PHE A 301 -11.51 -6.29 -7.51
N LEU A 302 -11.03 -6.64 -8.70
CA LEU A 302 -11.74 -6.29 -9.93
C LEU A 302 -13.06 -7.06 -10.04
N MET A 303 -13.07 -8.30 -9.57
CA MET A 303 -14.29 -9.10 -9.64
C MET A 303 -15.38 -8.56 -8.71
N GLU A 304 -15.00 -7.61 -7.88
CA GLU A 304 -15.90 -6.97 -6.92
C GLU A 304 -16.68 -5.85 -7.59
N ILE A 305 -16.15 -5.35 -8.71
CA ILE A 305 -16.75 -4.25 -9.46
C ILE A 305 -18.14 -4.55 -10.04
N GLU A 306 -19.06 -3.63 -9.82
CA GLU A 306 -20.44 -3.76 -10.31
C GLU A 306 -20.53 -3.32 -11.76
N ALA A 307 -20.99 -4.22 -12.63
CA ALA A 307 -21.13 -3.89 -14.05
C ALA A 307 -19.75 -3.47 -14.59
N PRO A 308 -18.83 -4.44 -14.71
CA PRO A 308 -17.48 -4.19 -15.21
C PRO A 308 -17.49 -3.77 -16.67
N SER A 309 -16.58 -2.90 -17.05
CA SER A 309 -16.49 -2.48 -18.45
C SER A 309 -15.77 -3.63 -19.14
N ASP A 310 -15.84 -3.73 -20.46
CA ASP A 310 -15.15 -4.81 -21.12
C ASP A 310 -13.66 -4.77 -20.80
N ALA A 311 -13.11 -3.58 -20.66
CA ALA A 311 -11.70 -3.44 -20.33
C ALA A 311 -11.41 -4.20 -19.04
N VAL A 312 -12.27 -4.04 -18.04
CA VAL A 312 -12.11 -4.73 -16.76
C VAL A 312 -12.41 -6.21 -16.91
N LYS A 313 -13.31 -6.52 -17.85
CA LYS A 313 -13.69 -7.90 -18.11
C LYS A 313 -12.52 -8.70 -18.70
N GLN A 314 -11.76 -8.05 -19.57
CA GLN A 314 -10.62 -8.71 -20.19
C GLN A 314 -9.55 -8.93 -19.13
N ALA A 315 -9.27 -7.88 -18.36
CA ALA A 315 -8.28 -7.97 -17.30
C ALA A 315 -8.52 -9.17 -16.39
N ILE A 316 -9.76 -9.33 -15.93
CA ILE A 316 -10.07 -10.43 -15.03
C ILE A 316 -9.86 -11.79 -15.70
N ARG A 317 -10.48 -11.97 -16.86
CA ARG A 317 -10.36 -13.22 -17.60
C ARG A 317 -8.90 -13.56 -17.87
N GLY A 318 -8.13 -12.55 -18.30
CA GLY A 318 -6.72 -12.78 -18.56
C GLY A 318 -5.98 -13.27 -17.33
N GLY A 319 -5.86 -12.39 -16.32
CA GLY A 319 -5.16 -12.75 -15.11
C GLY A 319 -5.56 -14.10 -14.54
N VAL A 320 -6.85 -14.38 -14.51
CA VAL A 320 -7.32 -15.66 -13.97
C VAL A 320 -6.74 -16.82 -14.77
N ALA A 321 -6.62 -16.62 -16.09
CA ALA A 321 -6.10 -17.65 -16.98
C ALA A 321 -4.63 -17.94 -16.72
N TRP A 322 -3.78 -16.91 -16.78
CA TRP A 322 -2.36 -17.11 -16.55
C TRP A 322 -2.18 -17.75 -15.19
N LEU A 323 -3.06 -17.41 -14.26
CA LEU A 323 -2.99 -17.98 -12.92
C LEU A 323 -3.17 -19.48 -13.02
N ASN A 324 -3.74 -19.93 -14.13
CA ASN A 324 -3.95 -21.36 -14.36
C ASN A 324 -2.93 -21.96 -15.31
N THR A 325 -2.41 -21.15 -16.24
CA THR A 325 -1.41 -21.66 -17.17
C THR A 325 -0.17 -21.96 -16.36
N SER A 326 -0.04 -21.27 -15.23
CA SER A 326 1.11 -21.44 -14.35
C SER A 326 0.65 -21.89 -12.96
N VAL A 327 0.77 -23.19 -12.71
CA VAL A 327 0.38 -23.77 -11.42
C VAL A 327 1.46 -24.75 -10.98
N ILE A 328 1.08 -25.74 -10.18
CA ILE A 328 2.01 -26.76 -9.70
C ILE A 328 1.29 -28.09 -9.52
N ARG A 329 1.92 -29.17 -9.97
CA ARG A 329 1.35 -30.50 -9.85
C ARG A 329 1.09 -30.84 -8.38
N ASP A 330 2.09 -31.40 -7.72
CA ASP A 330 1.98 -31.76 -6.31
C ASP A 330 3.27 -31.41 -5.57
N GLN A 346 2.89 -27.32 0.37
CA GLN A 346 3.75 -27.17 -0.80
C GLN A 346 3.69 -28.41 -1.70
N GLY A 347 2.50 -28.70 -2.21
CA GLY A 347 2.33 -29.87 -3.06
C GLY A 347 0.91 -30.38 -3.18
N ALA A 348 0.40 -30.97 -2.10
CA ALA A 348 -0.96 -31.51 -2.08
C ALA A 348 -1.98 -30.49 -2.59
N LYS A 349 -1.95 -29.29 -2.02
CA LYS A 349 -2.86 -28.23 -2.41
C LYS A 349 -2.21 -27.41 -3.53
N PRO A 350 -3.02 -26.86 -4.45
CA PRO A 350 -2.51 -26.05 -5.58
C PRO A 350 -1.40 -25.09 -5.16
N LEU A 351 -0.39 -24.94 -6.01
CA LEU A 351 0.72 -24.04 -5.71
C LEU A 351 1.05 -23.02 -6.77
N TRP A 352 1.81 -22.01 -6.36
CA TRP A 352 2.24 -20.92 -7.21
C TRP A 352 3.55 -20.32 -6.70
N SER A 353 4.46 -20.04 -7.62
CA SER A 353 5.73 -19.43 -7.24
C SER A 353 5.42 -17.98 -6.92
N ARG A 354 5.91 -17.47 -5.79
CA ARG A 354 5.66 -16.08 -5.43
C ARG A 354 5.90 -15.23 -6.67
N PHE A 355 7.01 -15.49 -7.36
CA PHE A 355 7.35 -14.75 -8.57
C PHE A 355 7.55 -15.64 -9.81
N TYR A 356 7.17 -15.10 -10.96
CA TYR A 356 7.30 -15.80 -12.23
C TYR A 356 8.05 -14.96 -13.25
N SER A 357 8.93 -15.60 -14.00
CA SER A 357 9.72 -14.93 -15.02
C SER A 357 8.84 -14.24 -16.05
N LEU A 358 9.09 -12.95 -16.28
CA LEU A 358 8.32 -12.21 -17.26
C LEU A 358 8.55 -12.90 -18.60
N ASP A 359 9.79 -13.32 -18.82
CA ASP A 359 10.22 -14.00 -20.04
C ASP A 359 10.14 -15.51 -19.79
N GLY A 360 9.27 -15.81 -20.38
CA GLY A 360 9.15 -17.25 -20.21
C GLY A 360 8.68 -17.52 -18.80
N ASN A 361 7.38 -17.30 -18.57
CA ASN A 361 6.77 -17.50 -17.27
C ASN A 361 7.14 -18.82 -16.58
N LYS A 362 8.15 -18.73 -15.72
CA LYS A 362 8.68 -19.87 -14.97
C LYS A 362 9.07 -19.40 -13.58
N PRO A 363 9.04 -20.32 -12.49
CA PRO A 363 9.35 -19.90 -11.12
C PRO A 363 10.70 -19.19 -11.04
N VAL A 364 10.74 -18.08 -10.31
CA VAL A 364 11.98 -17.32 -10.17
C VAL A 364 12.21 -16.94 -8.73
N PHE A 365 13.47 -16.98 -8.31
CA PHE A 365 13.83 -16.63 -6.94
C PHE A 365 15.06 -15.72 -6.94
N GLY A 366 15.41 -15.21 -5.77
CA GLY A 366 16.56 -14.32 -5.66
C GLY A 366 17.25 -14.39 -4.30
N ASP A 367 18.29 -13.60 -4.13
CA ASP A 367 19.04 -13.57 -2.88
C ASP A 367 19.54 -12.15 -2.61
N ARG A 368 19.96 -11.90 -1.36
CA ARG A 368 20.44 -10.57 -0.96
C ARG A 368 21.62 -10.05 -1.76
N ASP A 369 22.08 -10.81 -2.75
CA ASP A 369 23.22 -10.39 -3.55
C ASP A 369 22.87 -10.04 -4.99
N LYS A 370 21.65 -9.53 -5.18
CA LYS A 370 21.17 -9.12 -6.50
C LYS A 370 21.17 -10.19 -7.58
N THR A 371 21.33 -11.46 -7.19
CA THR A 371 21.33 -12.55 -8.16
C THR A 371 19.98 -13.25 -8.23
N ILE A 372 19.48 -13.41 -9.46
CA ILE A 372 18.21 -14.04 -9.71
C ILE A 372 18.41 -15.52 -10.05
N HIS A 373 17.78 -16.40 -9.28
CA HIS A 373 17.90 -17.84 -9.48
C HIS A 373 16.60 -18.50 -9.96
N ASP A 374 16.68 -19.81 -10.17
CA ASP A 374 15.55 -20.61 -10.63
C ASP A 374 15.39 -21.82 -9.73
N ASP A 375 15.84 -21.69 -8.49
CA ASP A 375 15.76 -22.78 -7.53
C ASP A 375 15.94 -22.25 -6.11
N VAL A 376 15.00 -22.57 -5.23
CA VAL A 376 15.08 -22.13 -3.84
C VAL A 376 16.38 -22.58 -3.17
N MET A 377 16.88 -23.75 -3.57
CA MET A 377 18.09 -24.30 -2.99
C MET A 377 19.34 -23.54 -3.43
N GLY A 378 19.17 -22.64 -4.38
CA GLY A 378 20.30 -21.84 -4.86
C GLY A 378 20.27 -20.49 -4.20
N ILE A 379 19.70 -20.45 -2.99
CA ILE A 379 19.59 -19.21 -2.23
C ILE A 379 20.05 -19.42 -0.79
N SER A 380 20.62 -18.36 -0.20
CA SER A 380 21.08 -18.41 1.17
C SER A 380 19.89 -18.85 2.01
N GLN A 381 20.11 -19.79 2.92
CA GLN A 381 19.02 -20.27 3.77
C GLN A 381 18.35 -19.13 4.52
N GLU A 382 19.10 -18.06 4.76
CA GLU A 382 18.57 -16.89 5.46
C GLU A 382 17.38 -16.36 4.66
N ARG A 383 17.50 -16.44 3.35
CA ARG A 383 16.45 -15.99 2.44
C ARG A 383 15.56 -17.17 2.04
N ARG A 384 16.13 -18.37 2.08
CA ARG A 384 15.40 -19.59 1.74
C ARG A 384 14.41 -19.88 2.85
N THR A 385 14.64 -19.27 4.02
CA THR A 385 13.77 -19.43 5.18
C THR A 385 13.14 -18.10 5.56
N GLY A 386 11.98 -18.16 6.20
CA GLY A 386 11.28 -16.95 6.57
C GLY A 386 10.46 -16.50 5.39
N TYR A 387 11.11 -15.86 4.42
CA TYR A 387 10.45 -15.39 3.21
C TYR A 387 9.83 -16.58 2.48
N ALA A 388 8.60 -16.42 2.00
CA ALA A 388 7.91 -17.50 1.29
C ALA A 388 7.95 -17.27 -0.23
N TRP A 389 8.57 -18.21 -0.94
CA TRP A 389 8.67 -18.09 -2.39
C TRP A 389 7.59 -18.86 -3.15
N TYR A 390 6.85 -19.71 -2.43
CA TYR A 390 5.75 -20.48 -3.02
C TYR A 390 4.50 -20.21 -2.19
N THR A 391 3.33 -20.43 -2.78
CA THR A 391 2.09 -20.17 -2.05
C THR A 391 0.83 -20.72 -2.72
N THR A 392 -0.21 -20.91 -1.91
CA THR A 392 -1.49 -21.43 -2.37
C THR A 392 -2.52 -20.31 -2.41
N SER A 393 -2.13 -19.15 -1.88
CA SER A 393 -3.01 -17.99 -1.81
C SER A 393 -3.83 -17.71 -3.07
N PRO A 394 -3.19 -17.70 -4.26
CA PRO A 394 -3.87 -17.43 -5.52
C PRO A 394 -5.19 -18.18 -5.75
N GLN A 395 -5.29 -19.39 -5.20
CA GLN A 395 -6.50 -20.20 -5.36
C GLN A 395 -7.77 -19.39 -5.11
N LYS A 396 -7.71 -18.47 -4.15
CA LYS A 396 -8.84 -17.62 -3.80
C LYS A 396 -9.45 -16.89 -4.99
N ALA A 397 -8.61 -16.52 -5.95
CA ALA A 397 -9.08 -15.80 -7.13
C ALA A 397 -9.75 -16.74 -8.12
N LEU A 398 -9.44 -18.03 -8.04
CA LEU A 398 -10.02 -19.02 -8.94
C LEU A 398 -11.45 -19.35 -8.56
N SER A 399 -11.64 -19.76 -7.30
CA SER A 399 -12.98 -20.09 -6.82
C SER A 399 -13.89 -18.88 -6.99
N ALA A 400 -13.30 -17.69 -6.89
CA ALA A 400 -14.04 -16.45 -7.03
C ALA A 400 -14.44 -16.21 -8.47
N PHE A 401 -13.50 -16.43 -9.40
CA PHE A 401 -13.77 -16.24 -10.82
C PHE A 401 -14.96 -17.07 -11.29
N THR A 402 -15.07 -18.29 -10.77
CA THR A 402 -16.14 -19.20 -11.12
C THR A 402 -17.49 -18.50 -11.06
N LYS A 403 -17.91 -18.16 -9.85
CA LYS A 403 -19.20 -17.48 -9.64
C LYS A 403 -19.25 -16.11 -10.30
N TRP A 404 -18.08 -15.53 -10.56
CA TRP A 404 -18.03 -14.21 -11.18
C TRP A 404 -18.36 -14.19 -12.67
N GLU A 405 -17.78 -15.11 -13.43
CA GLU A 405 -18.03 -15.16 -14.87
C GLU A 405 -19.52 -15.10 -15.19
N LYS A 406 -20.32 -15.82 -14.40
CA LYS A 406 -21.76 -15.86 -14.58
C LYS A 406 -22.39 -14.49 -14.80
N ARG A 407 -22.56 -13.73 -13.72
CA ARG A 407 -23.15 -12.39 -13.80
C ARG A 407 -22.15 -11.37 -14.32
N SER A 408 -21.86 -11.42 -15.62
CA SER A 408 -20.91 -10.49 -16.22
C SER A 408 -21.09 -10.41 -17.74
#